data_6POO
#
_entry.id   6POO
#
_cell.length_a   26.419
_cell.length_b   68.814
_cell.length_c   199.377
_cell.angle_alpha   90.00
_cell.angle_beta   90.00
_cell.angle_gamma   90.00
#
_symmetry.space_group_name_H-M   'P 21 2 21'
#
_entity_poly.entity_id   1
_entity_poly.type   'polypeptide(L)'
_entity_poly.pdbx_seq_one_letter_code
;DQELGKQSRRSQDIIKSLGFLSSDQKDILVKSISSSKDSQLILKFVTQATQLNNAESTKAKQ(MSE)AQNDVALIKNISP
EVLEEYKEKIQRASTKSQVDEFVAEAKKVVNSNKETLVNQANGKKQEIAKLENLSNDE(MSE)LRYNTAIDNVVKQYNEG
KLNITAA(MSE)NALNSIKQAAQEVAQKNLQKQYAKKIERISSKGLALSKKAKEIYEKHKSILPTPGYYADSVGTYLNRF
RDKQTFGNRSVWTGQSGLDEAKK(MSE)LDEVKKLLKELQDLTRGTKED
;
_entity_poly.pdbx_strand_id   A
#
# COMPACT_ATOMS: atom_id res chain seq x y z
N ASP A 1 -5.10 40.81 59.44
CA ASP A 1 -4.52 39.64 60.08
C ASP A 1 -5.08 38.34 59.52
N GLN A 2 -6.39 38.20 59.64
CA GLN A 2 -7.11 37.07 59.08
C GLN A 2 -7.05 37.08 57.55
N GLU A 3 -6.81 38.25 56.95
CA GLU A 3 -6.59 38.34 55.50
C GLU A 3 -5.41 37.47 55.10
N LEU A 4 -4.23 37.79 55.66
CA LEU A 4 -3.04 36.96 55.55
C LEU A 4 -3.37 35.48 55.58
N GLY A 5 -3.99 35.03 56.67
CA GLY A 5 -4.44 33.66 56.76
C GLY A 5 -5.01 33.15 55.46
N LYS A 6 -5.89 33.94 54.85
CA LYS A 6 -6.41 33.60 53.53
C LYS A 6 -5.41 33.96 52.44
N GLN A 7 -4.82 35.16 52.50
CA GLN A 7 -3.94 35.60 51.42
C GLN A 7 -2.69 34.73 51.30
N SER A 8 -2.08 34.37 52.42
CA SER A 8 -0.89 33.53 52.34
C SER A 8 -1.21 32.16 51.80
N ARG A 9 -2.29 31.54 52.29
CA ARG A 9 -2.65 30.24 51.77
C ARG A 9 -2.94 30.28 50.29
N ARG A 10 -3.48 31.40 49.78
CA ARG A 10 -3.62 31.58 48.33
C ARG A 10 -2.24 31.56 47.67
N SER A 11 -1.40 32.51 48.05
CA SER A 11 -0.14 32.72 47.36
C SER A 11 0.70 31.46 47.35
N GLN A 12 0.71 30.72 48.44
CA GLN A 12 1.43 29.45 48.46
C GLN A 12 0.88 28.49 47.43
N ASP A 13 -0.45 28.49 47.25
CA ASP A 13 -1.06 27.59 46.30
C ASP A 13 -0.77 28.01 44.87
N ILE A 14 -0.68 29.32 44.62
CA ILE A 14 -0.18 29.78 43.34
C ILE A 14 1.20 29.19 43.05
N ILE A 15 2.08 29.21 44.03
CA ILE A 15 3.41 28.67 43.77
C ILE A 15 3.33 27.19 43.41
N LYS A 16 2.71 26.38 44.28
CA LYS A 16 2.73 24.94 44.10
C LYS A 16 2.19 24.51 42.71
N SER A 17 1.36 25.36 42.09
CA SER A 17 0.72 25.04 40.82
C SER A 17 1.55 25.40 39.60
N LEU A 18 2.51 26.30 39.72
CA LEU A 18 3.34 26.66 38.57
C LEU A 18 3.99 25.41 37.98
N GLY A 19 4.04 25.37 36.65
CA GLY A 19 4.30 24.12 35.98
C GLY A 19 5.76 23.82 35.81
N PHE A 20 6.61 24.83 35.91
CA PHE A 20 8.00 24.66 35.54
C PHE A 20 8.99 24.89 36.66
N LEU A 21 8.53 25.24 37.86
CA LEU A 21 9.45 25.24 38.99
C LEU A 21 9.66 23.81 39.45
N SER A 22 10.88 23.53 39.91
CA SER A 22 11.19 22.28 40.53
C SER A 22 10.68 22.31 41.94
N SER A 23 10.74 21.14 42.58
CA SER A 23 10.38 21.02 43.98
C SER A 23 11.22 21.94 44.88
N ASP A 24 12.55 21.94 44.70
CA ASP A 24 13.41 22.77 45.55
C ASP A 24 13.04 24.25 45.43
N GLN A 25 12.80 24.72 44.21
CA GLN A 25 12.43 26.12 44.01
C GLN A 25 11.10 26.47 44.67
N LYS A 26 10.12 25.59 44.55
CA LYS A 26 8.85 25.83 45.22
C LYS A 26 9.03 25.98 46.72
N ASP A 27 9.84 25.11 47.32
CA ASP A 27 9.90 25.05 48.78
C ASP A 27 10.46 26.34 49.36
N ILE A 28 11.48 26.91 48.74
CA ILE A 28 12.06 28.16 49.21
C ILE A 28 11.03 29.29 49.17
N LEU A 29 10.31 29.39 48.06
CA LEU A 29 9.34 30.47 47.91
C LEU A 29 8.11 30.22 48.77
N VAL A 30 7.64 28.97 48.82
CA VAL A 30 6.51 28.67 49.70
C VAL A 30 6.85 29.01 51.14
N LYS A 31 8.09 28.71 51.58
CA LYS A 31 8.49 28.99 52.95
C LYS A 31 8.52 30.47 53.23
N SER A 32 9.06 31.26 52.30
CA SER A 32 9.15 32.70 52.51
C SER A 32 7.78 33.35 52.63
N ILE A 33 6.82 32.92 51.81
CA ILE A 33 5.47 33.44 51.90
C ILE A 33 4.86 33.18 53.27
N SER A 34 4.95 31.94 53.74
CA SER A 34 4.34 31.57 55.02
C SER A 34 5.06 32.18 56.23
N SER A 35 6.17 32.90 56.02
CA SER A 35 6.91 33.55 57.08
C SER A 35 6.73 35.05 57.09
N SER A 36 6.01 35.62 56.13
CA SER A 36 5.98 37.07 55.97
C SER A 36 4.85 37.67 56.79
N LYS A 37 5.11 38.87 57.32
CA LYS A 37 4.12 39.60 58.10
C LYS A 37 3.30 40.59 57.26
N ASP A 38 3.76 40.88 56.03
CA ASP A 38 3.14 41.87 55.17
C ASP A 38 2.43 41.18 54.00
N SER A 39 1.29 41.75 53.57
CA SER A 39 0.63 41.32 52.33
C SER A 39 1.34 41.86 51.09
N GLN A 40 2.03 43.00 51.24
CA GLN A 40 2.75 43.59 50.12
C GLN A 40 3.99 42.78 49.77
N LEU A 41 4.71 42.29 50.77
CA LEU A 41 5.84 41.44 50.47
C LEU A 41 5.41 40.13 49.84
N ILE A 42 4.32 39.55 50.36
CA ILE A 42 3.82 38.30 49.80
C ILE A 42 3.57 38.45 48.29
N LEU A 43 3.09 39.62 47.88
CA LEU A 43 2.95 39.87 46.45
C LEU A 43 4.27 39.79 45.72
N LYS A 44 5.31 40.42 46.26
CA LYS A 44 6.59 40.37 45.55
C LYS A 44 7.09 38.94 45.39
N PHE A 45 6.79 38.07 46.35
CA PHE A 45 7.21 36.68 46.21
C PHE A 45 6.50 36.00 45.08
N VAL A 46 5.17 36.14 45.04
CA VAL A 46 4.40 35.58 43.95
C VAL A 46 4.84 36.18 42.62
N THR A 47 5.26 37.44 42.61
CA THR A 47 5.78 38.02 41.36
C THR A 47 7.06 37.35 40.90
N GLN A 48 8.10 37.34 41.74
CA GLN A 48 9.34 36.77 41.23
C GLN A 48 9.21 35.27 40.97
N ALA A 49 8.19 34.63 41.55
CA ALA A 49 8.00 33.23 41.28
C ALA A 49 7.52 33.00 39.85
N THR A 50 6.48 33.74 39.45
CA THR A 50 6.02 33.67 38.07
C THR A 50 7.11 34.13 37.11
N GLN A 51 7.88 35.14 37.49
CA GLN A 51 9.02 35.51 36.66
C GLN A 51 9.98 34.35 36.45
N LEU A 52 10.21 33.57 37.49
CA LEU A 52 11.10 32.42 37.33
C LEU A 52 10.42 31.29 36.57
N ASN A 53 9.13 31.09 36.81
CA ASN A 53 8.39 30.11 36.04
C ASN A 53 8.48 30.40 34.56
N ASN A 54 8.35 31.67 34.19
CA ASN A 54 8.47 32.02 32.78
C ASN A 54 9.89 31.78 32.27
N ALA A 55 10.89 32.21 33.04
CA ALA A 55 12.28 31.91 32.68
C ALA A 55 12.51 30.41 32.45
N GLU A 56 12.09 29.58 33.40
CA GLU A 56 12.33 28.15 33.30
C GLU A 56 11.47 27.52 32.21
N SER A 57 10.30 28.11 31.95
CA SER A 57 9.42 27.60 30.90
C SER A 57 10.04 27.80 29.52
N THR A 58 10.53 29.01 29.24
CA THR A 58 11.32 29.24 28.04
C THR A 58 12.48 28.26 27.95
N LYS A 59 13.40 28.30 28.94
CA LYS A 59 14.57 27.43 28.87
C LYS A 59 14.15 25.99 28.63
N ALA A 60 13.10 25.52 29.30
CA ALA A 60 12.67 24.14 29.16
C ALA A 60 12.17 23.84 27.76
N LYS A 61 11.21 24.63 27.28
CA LYS A 61 10.65 24.39 25.95
C LYS A 61 11.73 24.43 24.88
N GLN A 62 12.42 25.58 24.78
CA GLN A 62 13.46 25.77 23.77
C GLN A 62 14.42 24.58 23.69
N ALA A 64 14.05 21.47 24.65
CA ALA A 64 13.37 20.30 24.15
C ALA A 64 13.18 20.38 22.65
N GLN A 65 12.81 21.56 22.17
CA GLN A 65 12.66 21.76 20.73
C GLN A 65 13.96 21.49 20.00
N ASN A 66 15.08 21.91 20.57
CA ASN A 66 16.34 21.56 19.94
C ASN A 66 16.70 20.11 20.19
N ASP A 67 16.16 19.49 21.22
CA ASP A 67 16.41 18.06 21.41
C ASP A 67 15.80 17.26 20.27
N VAL A 68 14.54 17.52 19.95
CA VAL A 68 13.86 16.70 18.96
C VAL A 68 14.43 16.95 17.56
N ALA A 69 14.82 18.20 17.27
CA ALA A 69 15.54 18.53 16.05
C ALA A 69 16.76 17.63 15.82
N LEU A 70 17.34 17.08 16.89
CA LEU A 70 18.50 16.19 16.77
C LEU A 70 18.13 14.73 16.71
N ILE A 71 16.85 14.38 16.82
CA ILE A 71 16.50 13.02 16.42
C ILE A 71 16.91 12.86 14.97
N LYS A 72 17.68 11.83 14.68
CA LYS A 72 18.25 11.76 13.35
C LYS A 72 17.30 11.02 12.42
N ASN A 73 17.18 11.56 11.19
CA ASN A 73 16.15 11.22 10.19
C ASN A 73 14.75 11.61 10.64
N ILE A 74 14.64 12.75 11.33
CA ILE A 74 13.34 13.30 11.73
C ILE A 74 12.64 13.84 10.50
N SER A 75 11.44 13.34 10.24
CA SER A 75 10.62 13.92 9.20
C SER A 75 10.38 15.39 9.48
N PRO A 76 10.62 16.29 8.51
CA PRO A 76 10.20 17.69 8.70
C PRO A 76 8.78 17.85 9.22
N GLU A 77 7.83 17.03 8.77
CA GLU A 77 6.47 17.15 9.30
C GLU A 77 6.41 16.77 10.78
N VAL A 78 7.09 15.69 11.17
CA VAL A 78 6.96 15.20 12.54
C VAL A 78 7.65 16.16 13.49
N LEU A 79 8.80 16.71 13.07
CA LEU A 79 9.48 17.75 13.84
C LEU A 79 8.55 18.92 14.14
N GLU A 80 7.98 19.51 13.10
CA GLU A 80 7.00 20.58 13.30
C GLU A 80 5.87 20.16 14.25
N GLU A 81 5.33 18.94 14.10
CA GLU A 81 4.25 18.47 14.96
C GLU A 81 4.65 18.56 16.43
N TYR A 82 5.86 18.12 16.75
CA TYR A 82 6.21 17.99 18.15
C TYR A 82 6.82 19.25 18.67
N LYS A 83 7.56 19.98 17.82
CA LYS A 83 7.97 21.29 18.26
C LYS A 83 6.77 22.07 18.73
N GLU A 84 5.66 21.95 18.02
CA GLU A 84 4.50 22.76 18.35
C GLU A 84 3.77 22.25 19.58
N LYS A 85 3.56 20.94 19.68
CA LYS A 85 3.01 20.34 20.89
C LYS A 85 3.82 20.77 22.12
N ILE A 86 5.15 20.67 22.04
CA ILE A 86 5.99 21.12 23.16
C ILE A 86 5.71 22.57 23.48
N GLN A 87 5.72 23.43 22.47
CA GLN A 87 5.52 24.85 22.72
C GLN A 87 4.25 25.09 23.52
N ARG A 88 3.19 24.32 23.25
CA ARG A 88 1.91 24.52 23.92
C ARG A 88 1.81 23.85 25.29
N ALA A 89 2.86 23.18 25.77
CA ALA A 89 2.74 22.38 26.98
C ALA A 89 2.50 23.25 28.19
N SER A 90 1.88 22.67 29.23
CA SER A 90 1.55 23.37 30.47
C SER A 90 2.59 23.21 31.59
N THR A 91 3.31 22.08 31.62
CA THR A 91 4.17 21.68 32.71
C THR A 91 5.44 21.08 32.15
N LYS A 92 6.40 20.84 33.05
CA LYS A 92 7.66 20.23 32.62
C LYS A 92 7.48 18.77 32.28
N SER A 93 6.61 18.04 32.99
CA SER A 93 6.49 16.61 32.70
C SER A 93 5.89 16.36 31.32
N GLN A 94 4.86 17.12 30.92
CA GLN A 94 4.34 17.04 29.57
C GLN A 94 5.43 17.31 28.53
N VAL A 95 6.26 18.32 28.76
CA VAL A 95 7.37 18.60 27.84
C VAL A 95 8.28 17.38 27.73
N ASP A 96 8.52 16.70 28.84
CA ASP A 96 9.35 15.50 28.80
C ASP A 96 8.69 14.40 27.97
N GLU A 97 7.44 14.05 28.31
CA GLU A 97 6.74 13.00 27.56
C GLU A 97 6.73 13.28 26.06
N PHE A 98 6.68 14.55 25.65
CA PHE A 98 6.60 14.83 24.22
C PHE A 98 7.89 14.45 23.52
N VAL A 99 9.03 14.74 24.15
CA VAL A 99 10.30 14.34 23.56
C VAL A 99 10.44 12.82 23.54
N ALA A 100 9.95 12.14 24.58
CA ALA A 100 9.75 10.71 24.50
C ALA A 100 8.93 10.33 23.27
N GLU A 101 7.67 10.78 23.22
CA GLU A 101 6.74 10.32 22.18
C GLU A 101 7.31 10.57 20.79
N ALA A 102 8.09 11.63 20.63
CA ALA A 102 8.71 11.93 19.34
C ALA A 102 9.48 10.74 18.83
N LYS A 103 10.50 10.31 19.57
CA LYS A 103 11.36 9.21 19.15
C LYS A 103 10.56 7.95 18.84
N LYS A 104 9.58 7.62 19.69
CA LYS A 104 8.76 6.46 19.39
C LYS A 104 8.09 6.60 18.04
N VAL A 105 7.66 7.82 17.71
CA VAL A 105 6.97 8.03 16.42
C VAL A 105 7.98 7.93 15.27
N VAL A 106 9.18 8.46 15.46
CA VAL A 106 10.14 8.52 14.36
C VAL A 106 10.65 7.14 14.01
N ASN A 107 10.69 6.23 14.99
CA ASN A 107 11.03 4.85 14.69
C ASN A 107 9.81 3.99 14.33
N SER A 108 8.68 4.14 14.99
CA SER A 108 7.48 3.47 14.49
C SER A 108 7.29 3.76 13.01
N ASN A 109 7.46 5.03 12.61
CA ASN A 109 7.21 5.42 11.23
C ASN A 109 8.19 4.79 10.26
N LYS A 110 9.48 4.78 10.61
CA LYS A 110 10.42 4.20 9.68
C LYS A 110 10.35 2.69 9.71
N GLU A 111 10.10 2.11 10.89
CA GLU A 111 9.85 0.68 10.94
C GLU A 111 8.65 0.30 10.06
N THR A 112 7.57 1.06 10.14
CA THR A 112 6.43 0.78 9.29
C THR A 112 6.79 0.86 7.82
N LEU A 113 7.29 2.02 7.38
CA LEU A 113 7.65 2.20 5.99
C LEU A 113 8.56 1.07 5.51
N VAL A 114 9.57 0.71 6.31
CA VAL A 114 10.49 -0.36 5.90
C VAL A 114 9.80 -1.71 5.80
N ASN A 115 8.80 -1.98 6.62
CA ASN A 115 8.13 -3.27 6.52
C ASN A 115 7.25 -3.33 5.29
N GLN A 116 6.50 -2.25 5.02
CA GLN A 116 5.65 -2.20 3.84
C GLN A 116 6.47 -2.33 2.57
N ALA A 117 7.59 -1.62 2.48
CA ALA A 117 8.43 -1.70 1.28
C ALA A 117 8.94 -3.11 1.05
N ASN A 118 9.45 -3.77 2.09
CA ASN A 118 9.85 -5.16 1.97
C ASN A 118 8.67 -6.04 1.59
N GLY A 119 7.52 -5.84 2.23
CA GLY A 119 6.36 -6.63 1.86
C GLY A 119 5.99 -6.48 0.40
N LYS A 120 6.22 -5.31 -0.17
CA LYS A 120 5.91 -5.09 -1.57
C LYS A 120 6.98 -5.68 -2.49
N LYS A 121 8.26 -5.50 -2.13
CA LYS A 121 9.33 -6.18 -2.85
C LYS A 121 8.99 -7.66 -3.07
N GLN A 122 8.51 -8.34 -2.03
CA GLN A 122 8.12 -9.73 -2.17
C GLN A 122 6.92 -9.90 -3.09
N GLU A 123 5.82 -9.18 -2.85
CA GLU A 123 4.62 -9.39 -3.67
C GLU A 123 4.90 -9.11 -5.14
N ILE A 124 5.74 -8.12 -5.43
CA ILE A 124 6.16 -7.90 -6.80
C ILE A 124 6.96 -9.08 -7.31
N ALA A 125 7.74 -9.71 -6.43
CA ALA A 125 8.61 -10.80 -6.87
C ALA A 125 7.82 -12.02 -7.33
N LYS A 126 6.61 -12.19 -6.81
CA LYS A 126 5.78 -13.35 -7.10
C LYS A 126 4.89 -13.15 -8.34
N LEU A 127 4.93 -11.97 -8.96
CA LEU A 127 4.25 -11.74 -10.24
C LEU A 127 5.01 -12.49 -11.32
N GLU A 128 4.48 -13.66 -11.68
CA GLU A 128 5.23 -14.58 -12.52
C GLU A 128 5.47 -14.02 -13.91
N ASN A 129 4.65 -13.05 -14.35
CA ASN A 129 4.70 -12.53 -15.71
C ASN A 129 5.39 -11.20 -15.81
N LEU A 130 6.29 -10.90 -14.90
CA LEU A 130 7.21 -9.80 -15.06
C LEU A 130 8.54 -10.34 -15.56
N SER A 131 9.02 -9.76 -16.66
CA SER A 131 10.39 -9.85 -17.13
C SER A 131 11.34 -9.70 -15.95
N ASN A 132 12.55 -10.28 -16.00
CA ASN A 132 13.53 -9.99 -14.95
C ASN A 132 13.89 -8.51 -14.96
N ASP A 133 14.04 -7.93 -16.16
CA ASP A 133 14.38 -6.51 -16.28
C ASP A 133 13.28 -5.63 -15.69
N GLU A 134 12.03 -6.01 -15.91
CA GLU A 134 10.93 -5.26 -15.31
C GLU A 134 10.87 -5.45 -13.80
N LEU A 136 13.59 -5.88 -11.66
CA LEU A 136 14.61 -4.98 -11.09
C LEU A 136 14.14 -3.53 -11.10
N ARG A 137 13.46 -3.11 -12.16
CA ARG A 137 13.09 -1.71 -12.30
C ARG A 137 12.13 -1.26 -11.20
N TYR A 138 11.31 -2.15 -10.67
CA TYR A 138 10.39 -1.77 -9.61
C TYR A 138 10.94 -1.98 -8.22
N ASN A 139 11.74 -3.05 -8.00
CA ASN A 139 12.48 -3.14 -6.75
C ASN A 139 13.37 -1.92 -6.55
N THR A 140 14.08 -1.50 -7.59
CA THR A 140 14.84 -0.25 -7.52
C THR A 140 13.92 0.94 -7.22
N ALA A 141 12.77 1.02 -7.89
CA ALA A 141 11.87 2.14 -7.63
C ALA A 141 11.48 2.21 -6.17
N ILE A 142 11.16 1.06 -5.57
CA ILE A 142 10.80 1.02 -4.16
C ILE A 142 11.92 1.62 -3.32
N ASP A 143 13.13 1.08 -3.46
CA ASP A 143 14.29 1.60 -2.73
C ASP A 143 14.39 3.12 -2.80
N ASN A 144 14.22 3.69 -3.99
CA ASN A 144 14.27 5.14 -4.12
C ASN A 144 13.21 5.84 -3.29
N VAL A 145 12.10 5.15 -3.01
CA VAL A 145 11.08 5.74 -2.16
C VAL A 145 11.56 5.78 -0.73
N VAL A 146 12.18 4.70 -0.26
CA VAL A 146 12.66 4.67 1.12
C VAL A 146 13.82 5.63 1.32
N LYS A 147 14.61 5.86 0.26
CA LYS A 147 15.71 6.82 0.36
C LYS A 147 15.18 8.26 0.44
N GLN A 148 14.32 8.66 -0.49
CA GLN A 148 13.76 9.99 -0.39
C GLN A 148 13.03 10.18 0.93
N TYR A 149 12.50 9.11 1.53
CA TYR A 149 11.86 9.30 2.81
C TYR A 149 12.89 9.64 3.87
N ASN A 150 13.94 8.84 3.94
CA ASN A 150 15.01 9.06 4.91
C ASN A 150 15.54 10.47 4.79
N GLU A 151 15.73 10.96 3.57
CA GLU A 151 16.09 12.34 3.32
C GLU A 151 14.92 13.30 3.44
N GLY A 152 13.82 12.88 4.08
CA GLY A 152 12.72 13.78 4.37
C GLY A 152 12.13 14.48 3.18
N LYS A 153 12.36 13.96 1.95
CA LYS A 153 11.71 14.45 0.74
C LYS A 153 10.28 13.97 0.61
N LEU A 154 9.90 13.01 1.44
CA LEU A 154 8.53 12.50 1.51
C LEU A 154 8.11 12.42 2.96
N ASN A 155 6.84 12.71 3.21
CA ASN A 155 6.27 12.36 4.50
C ASN A 155 5.96 10.87 4.49
N ILE A 156 5.48 10.36 5.63
CA ILE A 156 5.09 8.96 5.66
C ILE A 156 3.87 8.68 4.76
N THR A 157 2.93 9.62 4.66
CA THR A 157 1.75 9.38 3.85
C THR A 157 2.08 9.38 2.37
N ALA A 158 2.83 10.39 1.93
CA ALA A 158 3.35 10.42 0.56
C ALA A 158 4.03 9.12 0.20
N ALA A 159 4.86 8.60 1.11
CA ALA A 159 5.67 7.44 0.79
C ALA A 159 4.86 6.15 0.77
N ASN A 161 1.78 5.97 -0.21
CA ASN A 161 1.07 6.03 -1.48
C ASN A 161 1.97 5.69 -2.67
N ALA A 162 3.25 6.05 -2.60
CA ALA A 162 4.16 5.69 -3.68
C ALA A 162 4.45 4.20 -3.71
N LEU A 163 4.45 3.55 -2.56
CA LEU A 163 4.61 2.11 -2.58
C LEU A 163 3.40 1.47 -3.24
N ASN A 164 2.20 1.94 -2.89
CA ASN A 164 0.98 1.43 -3.51
C ASN A 164 0.95 1.72 -4.99
N SER A 165 1.30 2.94 -5.37
CA SER A 165 1.30 3.29 -6.79
C SER A 165 2.28 2.41 -7.59
N ILE A 166 3.45 2.10 -7.03
CA ILE A 166 4.40 1.23 -7.73
C ILE A 166 3.89 -0.20 -7.81
N LYS A 167 3.30 -0.70 -6.72
CA LYS A 167 2.70 -2.03 -6.75
C LYS A 167 1.61 -2.13 -7.81
N GLN A 168 0.71 -1.13 -7.88
CA GLN A 168 -0.36 -1.19 -8.87
C GLN A 168 0.20 -1.18 -10.29
N ALA A 169 1.22 -0.36 -10.53
CA ALA A 169 1.78 -0.34 -11.88
C ALA A 169 2.45 -1.67 -12.21
N ALA A 170 3.06 -2.32 -11.22
CA ALA A 170 3.67 -3.62 -11.51
C ALA A 170 2.63 -4.66 -11.86
N GLN A 171 1.42 -4.58 -11.28
CA GLN A 171 0.33 -5.48 -11.66
C GLN A 171 -0.13 -5.22 -13.09
N GLU A 172 -0.43 -3.97 -13.42
CA GLU A 172 -0.95 -3.68 -14.74
C GLU A 172 0.02 -4.09 -15.85
N VAL A 173 1.31 -4.14 -15.57
CA VAL A 173 2.23 -4.67 -16.56
C VAL A 173 2.27 -6.19 -16.49
N ALA A 174 2.09 -6.76 -15.30
CA ALA A 174 2.00 -8.21 -15.18
C ALA A 174 0.93 -8.76 -16.12
N GLN A 175 -0.22 -8.07 -16.21
CA GLN A 175 -1.32 -8.58 -17.00
C GLN A 175 -1.15 -8.33 -18.49
N LYS A 176 -0.74 -7.12 -18.90
CA LYS A 176 -0.43 -6.89 -20.31
C LYS A 176 0.50 -7.97 -20.82
N ASN A 177 1.43 -8.39 -19.96
CA ASN A 177 2.33 -9.48 -20.29
C ASN A 177 1.66 -10.84 -20.17
N LEU A 178 0.60 -10.95 -19.39
CA LEU A 178 -0.13 -12.22 -19.32
C LEU A 178 -1.08 -12.40 -20.50
N GLN A 179 -1.76 -11.32 -20.89
CA GLN A 179 -2.58 -11.37 -22.09
C GLN A 179 -1.77 -11.74 -23.31
N LYS A 180 -0.56 -11.17 -23.45
CA LYS A 180 0.30 -11.59 -24.57
C LYS A 180 0.67 -13.06 -24.47
N GLN A 181 0.88 -13.57 -23.25
CA GLN A 181 1.22 -14.98 -23.15
C GLN A 181 -0.01 -15.85 -23.35
N TYR A 182 -1.18 -15.39 -22.93
CA TYR A 182 -2.40 -16.11 -23.27
C TYR A 182 -2.59 -16.14 -24.78
N ALA A 183 -2.65 -14.95 -25.39
CA ALA A 183 -2.88 -14.84 -26.83
C ALA A 183 -2.04 -15.83 -27.63
N LYS A 184 -0.75 -15.90 -27.33
CA LYS A 184 0.14 -16.85 -28.01
C LYS A 184 -0.28 -18.30 -27.77
N LYS A 185 -0.64 -18.67 -26.52
CA LYS A 185 -1.16 -20.01 -26.25
C LYS A 185 -2.44 -20.29 -27.03
N ILE A 186 -3.34 -19.30 -27.13
CA ILE A 186 -4.58 -19.48 -27.86
C ILE A 186 -4.31 -19.83 -29.31
N GLU A 187 -3.37 -19.13 -29.95
CA GLU A 187 -3.21 -19.40 -31.37
C GLU A 187 -2.59 -20.76 -31.61
N ARG A 188 -1.79 -21.25 -30.66
CA ARG A 188 -1.33 -22.63 -30.75
C ARG A 188 -2.52 -23.60 -30.79
N ILE A 189 -3.41 -23.52 -29.80
CA ILE A 189 -4.53 -24.46 -29.75
C ILE A 189 -5.42 -24.28 -30.97
N SER A 190 -5.74 -23.02 -31.31
CA SER A 190 -6.62 -22.81 -32.44
C SER A 190 -5.95 -23.12 -33.78
N SER A 191 -4.70 -23.54 -33.79
CA SER A 191 -4.10 -24.02 -35.03
C SER A 191 -4.23 -25.52 -35.18
N LYS A 192 -4.01 -26.28 -34.10
CA LYS A 192 -4.29 -27.71 -34.09
C LYS A 192 -5.74 -27.95 -34.48
N GLY A 193 -6.66 -27.17 -33.90
CA GLY A 193 -8.06 -27.33 -34.23
C GLY A 193 -8.36 -27.09 -35.70
N LEU A 194 -7.61 -26.17 -36.33
CA LEU A 194 -7.84 -25.90 -37.74
C LEU A 194 -7.31 -27.04 -38.62
N ALA A 195 -6.20 -27.66 -38.22
CA ALA A 195 -5.67 -28.79 -38.99
C ALA A 195 -6.56 -30.01 -38.84
N LEU A 196 -7.12 -30.21 -37.66
CA LEU A 196 -8.10 -31.26 -37.47
C LEU A 196 -9.36 -30.96 -38.28
N SER A 197 -9.83 -29.71 -38.22
CA SER A 197 -10.98 -29.30 -39.02
C SER A 197 -10.78 -29.58 -40.50
N LYS A 198 -9.59 -29.29 -41.03
CA LYS A 198 -9.39 -29.59 -42.44
C LYS A 198 -9.41 -31.11 -42.69
N LYS A 199 -8.93 -31.91 -41.74
CA LYS A 199 -8.96 -33.36 -41.92
C LYS A 199 -10.40 -33.85 -42.03
N ALA A 200 -11.27 -33.35 -41.15
CA ALA A 200 -12.69 -33.72 -41.14
C ALA A 200 -13.43 -33.25 -42.39
N LYS A 201 -13.09 -32.07 -42.92
CA LYS A 201 -13.70 -31.63 -44.17
C LYS A 201 -13.31 -32.53 -45.33
N GLU A 202 -12.03 -32.92 -45.41
CA GLU A 202 -11.61 -33.86 -46.43
C GLU A 202 -12.35 -35.19 -46.27
N ILE A 203 -12.42 -35.71 -45.04
CA ILE A 203 -13.16 -36.96 -44.82
C ILE A 203 -14.57 -36.80 -45.34
N TYR A 204 -15.24 -35.72 -44.94
CA TYR A 204 -16.65 -35.54 -45.30
C TYR A 204 -16.84 -35.51 -46.80
N GLU A 205 -16.01 -34.74 -47.50
CA GLU A 205 -16.21 -34.54 -48.92
C GLU A 205 -15.87 -35.77 -49.75
N LYS A 206 -15.30 -36.79 -49.16
CA LYS A 206 -14.99 -37.99 -49.89
C LYS A 206 -15.86 -39.18 -49.51
N HIS A 207 -16.64 -39.10 -48.43
CA HIS A 207 -17.50 -40.22 -48.04
C HIS A 207 -18.84 -39.73 -47.55
N LYS A 208 -19.38 -38.67 -48.15
CA LYS A 208 -20.61 -38.17 -47.57
C LYS A 208 -21.81 -39.04 -47.95
N SER A 209 -21.76 -39.65 -49.13
CA SER A 209 -22.81 -40.59 -49.53
C SER A 209 -23.10 -41.60 -48.43
N ILE A 210 -22.04 -42.08 -47.76
CA ILE A 210 -22.11 -43.08 -46.70
C ILE A 210 -22.63 -42.55 -45.37
N LEU A 211 -22.87 -41.25 -45.26
CA LEU A 211 -23.15 -40.71 -43.94
C LEU A 211 -24.62 -40.66 -43.63
N PRO A 212 -25.04 -41.18 -42.49
CA PRO A 212 -26.27 -40.72 -41.86
C PRO A 212 -26.32 -39.19 -41.86
N THR A 213 -27.49 -38.65 -42.23
CA THR A 213 -27.79 -37.23 -42.19
C THR A 213 -26.52 -36.41 -42.49
N PRO A 214 -26.06 -36.42 -43.75
CA PRO A 214 -24.79 -35.74 -44.05
C PRO A 214 -24.86 -34.24 -43.95
N GLY A 215 -26.05 -33.65 -44.08
CA GLY A 215 -26.13 -32.19 -44.01
C GLY A 215 -25.78 -31.63 -42.65
N TYR A 216 -26.01 -32.41 -41.59
CA TYR A 216 -25.55 -32.06 -40.26
C TYR A 216 -24.02 -32.04 -40.20
N TYR A 217 -23.37 -33.07 -40.73
CA TYR A 217 -21.91 -33.10 -40.68
C TYR A 217 -21.28 -32.03 -41.56
N ALA A 218 -21.97 -31.59 -42.60
CA ALA A 218 -21.41 -30.51 -43.41
C ALA A 218 -21.42 -29.21 -42.64
N ASP A 219 -22.50 -28.98 -41.88
CA ASP A 219 -22.65 -27.74 -41.14
C ASP A 219 -21.68 -27.71 -39.96
N SER A 220 -21.45 -28.87 -39.34
CA SER A 220 -20.54 -29.00 -38.21
C SER A 220 -19.14 -28.69 -38.64
N VAL A 221 -18.58 -29.51 -39.52
CA VAL A 221 -17.30 -29.23 -40.16
C VAL A 221 -17.12 -27.76 -40.49
N GLY A 222 -18.11 -27.17 -41.14
CA GLY A 222 -18.01 -25.77 -41.50
C GLY A 222 -17.93 -24.86 -40.30
N THR A 223 -18.75 -25.12 -39.29
CA THR A 223 -18.77 -24.28 -38.09
C THR A 223 -17.39 -24.26 -37.42
N TYR A 224 -16.81 -25.43 -37.17
CA TYR A 224 -15.51 -25.46 -36.54
C TYR A 224 -14.44 -24.89 -37.44
N LEU A 225 -14.57 -25.06 -38.74
CA LEU A 225 -13.60 -24.46 -39.63
C LEU A 225 -13.56 -22.95 -39.44
N ASN A 226 -14.71 -22.29 -39.46
CA ASN A 226 -14.73 -20.85 -39.31
C ASN A 226 -14.32 -20.42 -37.91
N ARG A 227 -14.69 -21.20 -36.88
CA ARG A 227 -14.37 -20.79 -35.52
C ARG A 227 -12.88 -20.62 -35.34
N PHE A 228 -12.12 -21.66 -35.69
CA PHE A 228 -10.67 -21.63 -35.50
C PHE A 228 -10.00 -20.59 -36.38
N ARG A 229 -10.52 -20.34 -37.58
CA ARG A 229 -10.02 -19.21 -38.39
C ARG A 229 -10.35 -17.87 -37.73
N ASP A 230 -11.60 -17.67 -37.31
CA ASP A 230 -12.01 -16.40 -36.72
C ASP A 230 -11.55 -16.24 -35.28
N LYS A 231 -11.32 -17.36 -34.58
CA LYS A 231 -11.14 -17.34 -33.14
C LYS A 231 -12.31 -16.63 -32.45
N GLN A 232 -13.51 -16.72 -33.03
CA GLN A 232 -14.74 -16.36 -32.32
C GLN A 232 -15.56 -17.62 -32.21
N THR A 233 -16.34 -17.73 -31.11
CA THR A 233 -17.27 -18.85 -31.01
C THR A 233 -18.54 -18.60 -31.84
N PHE A 234 -18.98 -17.34 -31.91
CA PHE A 234 -20.09 -16.98 -32.77
C PHE A 234 -19.72 -15.73 -33.54
N GLY A 235 -20.48 -15.46 -34.61
CA GLY A 235 -20.14 -14.40 -35.54
C GLY A 235 -20.23 -13.01 -34.95
N ASN A 236 -21.16 -12.80 -34.01
CA ASN A 236 -21.20 -11.53 -33.31
C ASN A 236 -20.90 -11.69 -31.84
N ARG A 237 -19.75 -12.30 -31.55
CA ARG A 237 -19.18 -12.39 -30.22
C ARG A 237 -17.71 -12.01 -30.31
N SER A 238 -17.12 -11.78 -29.14
CA SER A 238 -15.74 -11.35 -29.02
C SER A 238 -14.80 -12.41 -29.59
N VAL A 239 -13.63 -11.93 -30.01
CA VAL A 239 -12.49 -12.82 -30.26
C VAL A 239 -12.01 -13.45 -28.95
N TRP A 240 -11.44 -14.64 -29.06
CA TRP A 240 -10.87 -15.34 -27.93
C TRP A 240 -9.65 -14.60 -27.38
N THR A 241 -9.73 -14.18 -26.12
CA THR A 241 -8.63 -13.50 -25.44
C THR A 241 -8.58 -13.91 -23.97
N GLY A 242 -7.40 -13.80 -23.39
CA GLY A 242 -7.22 -14.06 -21.98
C GLY A 242 -7.68 -15.44 -21.61
N GLN A 243 -8.06 -15.69 -20.38
CA GLN A 243 -8.24 -17.08 -20.04
C GLN A 243 -9.65 -17.58 -20.31
N SER A 244 -10.63 -16.70 -20.49
CA SER A 244 -11.91 -17.16 -21.01
C SER A 244 -11.74 -17.66 -22.45
N GLY A 245 -10.91 -16.97 -23.23
CA GLY A 245 -10.64 -17.42 -24.59
C GLY A 245 -9.86 -18.73 -24.65
N LEU A 246 -8.86 -18.90 -23.78
CA LEU A 246 -8.09 -20.14 -23.83
C LEU A 246 -8.93 -21.33 -23.42
N ASP A 247 -9.71 -21.20 -22.34
CA ASP A 247 -10.66 -22.25 -22.03
C ASP A 247 -11.59 -22.52 -23.21
N GLU A 248 -12.15 -21.46 -23.79
CA GLU A 248 -13.06 -21.64 -24.92
C GLU A 248 -12.36 -22.31 -26.09
N ALA A 249 -11.12 -21.93 -26.38
CA ALA A 249 -10.42 -22.60 -27.47
C ALA A 249 -10.05 -24.02 -27.09
N LYS A 250 -9.70 -24.27 -25.83
CA LYS A 250 -9.47 -25.65 -25.43
C LYS A 250 -10.75 -26.45 -25.48
N LYS A 251 -11.88 -25.84 -25.16
CA LYS A 251 -13.17 -26.51 -25.31
C LYS A 251 -13.43 -26.94 -26.75
N LEU A 253 -11.32 -27.40 -29.33
CA LEU A 253 -10.43 -28.44 -29.82
C LEU A 253 -10.94 -29.82 -29.41
N ASP A 254 -11.36 -29.97 -28.16
CA ASP A 254 -11.79 -31.30 -27.78
C ASP A 254 -13.16 -31.64 -28.37
N GLU A 255 -13.88 -30.67 -28.93
CA GLU A 255 -15.13 -30.95 -29.61
C GLU A 255 -14.89 -31.44 -31.04
N VAL A 256 -13.98 -30.77 -31.74
CA VAL A 256 -13.66 -31.19 -33.10
C VAL A 256 -12.93 -32.52 -33.11
N LYS A 257 -12.21 -32.88 -32.04
CA LYS A 257 -11.62 -34.20 -31.97
C LYS A 257 -12.71 -35.28 -32.00
N LYS A 258 -13.67 -35.18 -31.07
CA LYS A 258 -14.84 -36.05 -31.07
C LYS A 258 -15.47 -36.13 -32.47
N LEU A 259 -15.70 -34.97 -33.10
CA LEU A 259 -16.26 -34.96 -34.44
C LEU A 259 -15.39 -35.72 -35.42
N LEU A 260 -14.10 -35.40 -35.46
CA LEU A 260 -13.20 -36.14 -36.35
C LEU A 260 -13.28 -37.63 -36.07
N LYS A 261 -13.14 -38.02 -34.80
CA LYS A 261 -13.27 -39.42 -34.42
C LYS A 261 -14.55 -40.02 -35.00
N GLU A 262 -15.66 -39.29 -34.89
CA GLU A 262 -16.93 -39.83 -35.32
C GLU A 262 -16.95 -40.09 -36.83
N LEU A 263 -16.52 -39.10 -37.62
CA LEU A 263 -16.39 -39.31 -39.06
C LEU A 263 -15.49 -40.50 -39.37
N GLN A 264 -14.42 -40.67 -38.59
CA GLN A 264 -13.51 -41.79 -38.85
C GLN A 264 -14.17 -43.13 -38.62
N ASP A 265 -15.12 -43.19 -37.69
CA ASP A 265 -15.77 -44.45 -37.41
C ASP A 265 -16.93 -44.71 -38.36
N LEU A 266 -17.54 -43.65 -38.90
CA LEU A 266 -18.63 -43.84 -39.84
C LEU A 266 -18.12 -44.28 -41.20
N THR A 267 -16.89 -43.96 -41.58
CA THR A 267 -16.38 -44.28 -42.91
C THR A 267 -15.42 -45.46 -42.94
N ARG A 268 -15.18 -46.13 -41.81
CA ARG A 268 -14.11 -47.10 -41.71
C ARG A 268 -14.36 -48.25 -42.67
N GLY A 269 -13.39 -48.53 -43.53
CA GLY A 269 -13.46 -49.63 -44.47
C GLY A 269 -14.02 -49.28 -45.83
N THR A 270 -14.98 -48.36 -45.89
CA THR A 270 -15.57 -47.95 -47.16
C THR A 270 -14.54 -47.20 -48.01
N LYS A 271 -14.80 -47.16 -49.31
CA LYS A 271 -13.89 -46.50 -50.23
C LYS A 271 -14.48 -45.17 -50.69
N GLU A 272 -13.66 -44.41 -51.45
CA GLU A 272 -13.84 -42.97 -51.66
C GLU A 272 -14.95 -42.66 -52.67
N ASP A 273 -16.17 -42.53 -52.15
CA ASP A 273 -17.31 -41.91 -52.84
C ASP A 273 -18.51 -41.81 -51.88
#